data_9FAZ
#
_entry.id   9FAZ
#
_cell.length_a   52.762
_cell.length_b   74.975
_cell.length_c   68.373
_cell.angle_alpha   90.00
_cell.angle_beta   102.82
_cell.angle_gamma   90.00
#
_symmetry.space_group_name_H-M   'P 1 21 1'
#
loop_
_entity.id
_entity.type
_entity.pdbx_description
1 polymer 'Lysosomal acid glucosylceramidase'
2 branched 2-acetamido-2-deoxy-beta-D-glucopyranose-(1-4)-2-acetamido-2-deoxy-beta-D-glucopyranose
3 non-polymer 2-acetamido-2-deoxy-beta-D-glucopyranose
4 non-polymer 'POTASSIUM ION'
5 non-polymer 1,2-ETHANEDIOL
6 non-polymer 'DIMETHYL SULFOXIDE'
7 non-polymer DI(HYDROXYETHYL)ETHER
8 non-polymer 'SULFATE ION'
9 non-polymer ~{N}-[(2~{R})-2-azanyl-2-phenyl-ethyl]-3,5-bis(fluoranyl)-~{N}-methyl-benzenesulfonamide
10 water water
#
_entity_poly.entity_id   1
_entity_poly.type   'polypeptide(L)'
_entity_poly.pdbx_seq_one_letter_code
;MEFSSPSREECPKPLSRVSIMAGSLTGLLLLQAVSWASGARPCIPKSFGYSSVVCVCNATYCDSFDPPTFPALGTFSRYE
STRSGRRMELSMGPIQANHTGTGLLLTLQPEQKFQKVKGFGGAMTDAAALNILALSPPAQNLLLKSYFSEEGIGYNIIRV
PMASCDFSIRTYTYADTPDDFQLHNFSLPEEDTKLKIPLIHRALQLAQRPVSLLASPWTSPTWLKTNGAVNGKGSLKGQP
GDIYHQTWARYFVKFLDAYAEHKLQFWAVTAENEPSAGLLSGYPFQCLGFTPEHQRDFIARDLGPTLANSTHHNVRLLML
DDQRLLLPHWAKVVLTDPEAAKYVHGIAVHWYLDFLAPAKATLGETHRLFPNTMLFASEACVGSKFWEQSVRLGSWDRGM
QYSHSIITNLLYHVVGWTDWNLALNPEGGPNWVRNFVDSPIIVDITKDTFYKQPMFYHLGHFSKFIPEGSQRVGLVASQK
NDLDAVALMHPDGSAVVVVLNRSSKDVPLTIKDPAVGFLETISPGYSIHTYLWRRQHHHHHHHHHH
;
_entity_poly.pdbx_strand_id   A
#
# COMPACT_ATOMS: atom_id res chain seq x y z
N ALA A 40 -20.49 14.94 -3.61
CA ALA A 40 -21.80 14.31 -3.93
C ALA A 40 -22.50 13.88 -2.63
N ARG A 41 -21.93 12.94 -1.85
CA ARG A 41 -22.54 12.61 -0.54
C ARG A 41 -21.51 12.86 0.57
N PRO A 42 -21.85 13.71 1.55
CA PRO A 42 -20.85 13.98 2.59
C PRO A 42 -20.72 12.87 3.66
N CYS A 43 -19.59 12.93 4.37
CA CYS A 43 -19.32 12.12 5.56
C CYS A 43 -20.50 12.25 6.56
N ILE A 44 -21.01 11.13 7.04
CA ILE A 44 -21.81 11.05 8.25
CA ILE A 44 -21.79 11.16 8.27
C ILE A 44 -20.86 10.80 9.43
N PRO A 45 -20.54 11.83 10.23
CA PRO A 45 -19.50 11.61 11.25
C PRO A 45 -20.02 10.93 12.51
N LYS A 46 -19.16 10.13 13.13
CA LYS A 46 -19.44 9.55 14.42
C LYS A 46 -18.13 9.52 15.23
N SER A 47 -18.24 9.91 16.49
CA SER A 47 -17.14 9.88 17.43
C SER A 47 -17.24 8.65 18.32
N PHE A 48 -16.11 8.00 18.59
CA PHE A 48 -16.03 6.91 19.54
C PHE A 48 -15.11 7.29 20.71
N GLY A 49 -14.81 8.56 20.88
CA GLY A 49 -14.06 9.01 22.04
C GLY A 49 -12.59 9.26 21.73
N TYR A 50 -12.17 9.01 20.49
CA TYR A 50 -10.78 9.33 20.08
C TYR A 50 -10.72 10.78 19.56
N SER A 51 -9.62 11.20 18.97
CA SER A 51 -9.41 12.62 18.72
C SER A 51 -10.28 13.13 17.56
N SER A 52 -10.75 12.23 16.69
CA SER A 52 -11.53 12.66 15.52
C SER A 52 -12.67 11.66 15.27
N VAL A 53 -13.26 11.75 14.10
CA VAL A 53 -14.49 11.02 13.78
C VAL A 53 -14.16 9.97 12.72
N VAL A 54 -15.02 8.95 12.67
CA VAL A 54 -15.13 8.08 11.50
C VAL A 54 -16.29 8.58 10.66
N CYS A 55 -16.33 8.17 9.39
CA CYS A 55 -17.51 8.37 8.56
C CYS A 55 -18.26 7.04 8.48
N VAL A 56 -19.57 7.11 8.65
CA VAL A 56 -20.39 5.92 8.82
C VAL A 56 -21.05 5.60 7.46
N CYS A 57 -20.88 4.36 7.01
CA CYS A 57 -21.60 3.88 5.80
C CYS A 57 -22.39 2.63 6.15
N ASN A 58 -23.36 2.28 5.31
CA ASN A 58 -24.26 1.18 5.59
C ASN A 58 -24.94 0.78 4.28
N ALA A 59 -26.07 0.10 4.34
CA ALA A 59 -26.66 -0.47 3.13
C ALA A 59 -27.29 0.61 2.23
N THR A 60 -27.56 1.81 2.74
CA THR A 60 -28.29 2.83 2.00
C THR A 60 -27.49 4.13 1.87
N TYR A 61 -26.30 4.21 2.47
CA TYR A 61 -25.59 5.48 2.42
C TYR A 61 -24.08 5.28 2.58
N CYS A 62 -23.31 6.01 1.77
CA CYS A 62 -21.88 6.16 2.03
C CYS A 62 -21.44 7.49 1.42
N ASP A 63 -20.46 8.13 2.01
CA ASP A 63 -19.91 9.34 1.46
C ASP A 63 -19.20 9.02 0.15
N SER A 64 -19.31 9.93 -0.82
CA SER A 64 -18.81 9.69 -2.17
C SER A 64 -18.58 11.03 -2.86
N PHE A 65 -17.68 11.01 -3.82
CA PHE A 65 -17.42 12.22 -4.64
C PHE A 65 -18.24 12.19 -5.94
N ASP A 66 -18.44 13.37 -6.51
CA ASP A 66 -18.87 13.47 -7.89
C ASP A 66 -17.77 12.90 -8.83
N PRO A 67 -18.13 12.59 -10.08
CA PRO A 67 -17.12 12.16 -11.05
C PRO A 67 -15.99 13.19 -11.13
N PRO A 68 -14.73 12.72 -11.19
CA PRO A 68 -13.60 13.63 -11.05
C PRO A 68 -13.55 14.58 -12.27
N THR A 69 -13.35 15.86 -11.98
CA THR A 69 -13.15 16.90 -12.98
C THR A 69 -12.16 17.93 -12.44
N PHE A 70 -11.34 18.47 -13.34
CA PHE A 70 -10.43 19.56 -13.00
C PHE A 70 -11.14 20.91 -13.16
N PRO A 71 -10.81 21.88 -12.32
CA PRO A 71 -11.23 23.26 -12.50
C PRO A 71 -10.61 23.84 -13.79
N ALA A 72 -11.21 24.86 -14.40
CA ALA A 72 -10.66 25.45 -15.62
C ALA A 72 -9.29 26.06 -15.31
N LEU A 73 -8.54 26.30 -16.39
CA LEU A 73 -7.23 26.92 -16.34
C LEU A 73 -7.35 28.21 -15.51
N GLY A 74 -6.43 28.47 -14.58
CA GLY A 74 -6.47 29.70 -13.73
C GLY A 74 -7.13 29.49 -12.37
N THR A 75 -7.66 28.31 -12.12
CA THR A 75 -8.30 27.94 -10.85
C THR A 75 -7.57 26.72 -10.28
N PHE A 76 -7.49 26.61 -8.97
CA PHE A 76 -7.02 25.35 -8.36
C PHE A 76 -8.13 24.76 -7.50
N SER A 77 -8.03 23.45 -7.32
CA SER A 77 -8.87 22.72 -6.40
C SER A 77 -8.09 22.41 -5.13
N ARG A 78 -8.76 22.48 -3.98
CA ARG A 78 -8.19 22.07 -2.71
CA ARG A 78 -8.18 22.07 -2.71
C ARG A 78 -9.15 21.11 -2.01
N TYR A 79 -8.65 19.92 -1.65
CA TYR A 79 -9.40 18.95 -0.87
C TYR A 79 -8.82 18.97 0.54
N GLU A 80 -9.67 19.10 1.57
CA GLU A 80 -9.21 19.33 2.92
C GLU A 80 -9.85 18.32 3.87
N SER A 81 -9.02 17.72 4.72
CA SER A 81 -9.52 16.92 5.85
C SER A 81 -8.89 17.49 7.11
N THR A 82 -9.64 17.48 8.20
CA THR A 82 -9.18 18.08 9.46
C THR A 82 -9.57 17.17 10.62
N ARG A 83 -8.77 17.21 11.66
CA ARG A 83 -9.15 16.55 12.89
C ARG A 83 -10.53 17.01 13.39
N SER A 84 -10.85 18.29 13.23
CA SER A 84 -12.16 18.84 13.66
C SER A 84 -13.32 18.17 12.90
N GLY A 85 -13.06 17.54 11.75
CA GLY A 85 -14.02 16.64 11.18
C GLY A 85 -14.26 16.83 9.69
N ARG A 86 -13.65 17.79 9.02
CA ARG A 86 -13.83 17.86 7.56
C ARG A 86 -13.18 16.64 6.89
N ARG A 87 -13.84 16.10 5.86
CA ARG A 87 -13.38 14.90 5.21
C ARG A 87 -13.33 15.12 3.69
N MET A 88 -12.12 15.38 3.19
CA MET A 88 -11.86 15.56 1.74
C MET A 88 -12.86 16.55 1.12
N GLU A 89 -13.08 17.67 1.81
CA GLU A 89 -13.99 18.72 1.34
C GLU A 89 -13.31 19.58 0.27
N LEU A 90 -14.04 19.83 -0.80
CA LEU A 90 -13.53 20.53 -1.98
C LEU A 90 -13.84 22.03 -1.90
N SER A 91 -12.82 22.86 -2.06
CA SER A 91 -13.01 24.28 -2.34
C SER A 91 -12.07 24.66 -3.48
N MET A 92 -12.37 25.78 -4.14
CA MET A 92 -11.56 26.23 -5.27
C MET A 92 -11.12 27.68 -5.03
N GLY A 93 -9.99 28.04 -5.62
CA GLY A 93 -9.50 29.39 -5.57
C GLY A 93 -8.77 29.78 -6.85
N PRO A 94 -8.46 31.05 -6.98
CA PRO A 94 -7.78 31.58 -8.16
C PRO A 94 -6.28 31.36 -8.01
N ILE A 95 -5.65 31.07 -9.15
CA ILE A 95 -4.23 31.16 -9.31
C ILE A 95 -3.96 32.61 -9.68
N GLN A 96 -3.14 33.28 -8.88
CA GLN A 96 -2.96 34.69 -9.00
C GLN A 96 -1.61 35.00 -9.67
N ALA A 97 -1.57 36.09 -10.44
CA ALA A 97 -0.34 36.47 -11.15
C ALA A 97 0.74 36.95 -10.16
N ASN A 98 0.36 37.48 -9.00
CA ASN A 98 1.26 38.21 -8.14
C ASN A 98 1.24 37.65 -6.72
N HIS A 99 2.36 37.82 -6.03
CA HIS A 99 2.44 37.51 -4.63
C HIS A 99 3.40 38.48 -3.96
N THR A 100 3.00 39.05 -2.83
CA THR A 100 3.89 39.90 -2.03
C THR A 100 3.94 39.34 -0.59
N GLY A 101 4.96 39.73 0.16
CA GLY A 101 5.00 39.36 1.58
C GLY A 101 6.14 38.44 1.93
N THR A 102 6.32 38.23 3.22
CA THR A 102 7.47 37.53 3.77
C THR A 102 7.05 36.16 4.32
N GLY A 103 5.88 35.67 3.92
CA GLY A 103 5.41 34.41 4.43
C GLY A 103 6.05 33.23 3.71
N LEU A 104 5.78 32.06 4.24
CA LEU A 104 6.24 30.79 3.69
C LEU A 104 5.78 30.65 2.22
N LEU A 105 6.77 30.42 1.36
CA LEU A 105 6.57 30.13 -0.04
C LEU A 105 7.08 28.72 -0.34
N LEU A 106 6.25 27.89 -0.95
CA LEU A 106 6.68 26.59 -1.51
C LEU A 106 6.70 26.70 -3.04
N THR A 107 7.89 26.71 -3.65
CA THR A 107 8.00 26.83 -5.09
C THR A 107 8.13 25.46 -5.77
N LEU A 108 7.17 25.15 -6.62
CA LEU A 108 7.19 23.98 -7.44
C LEU A 108 8.44 23.98 -8.31
N GLN A 109 9.03 22.80 -8.45
CA GLN A 109 10.22 22.58 -9.30
C GLN A 109 9.83 21.54 -10.35
N PRO A 110 8.95 21.94 -11.31
CA PRO A 110 8.35 20.99 -12.25
C PRO A 110 9.37 20.22 -13.12
N GLU A 111 10.55 20.81 -13.36
CA GLU A 111 11.55 20.18 -14.21
C GLU A 111 12.60 19.39 -13.40
N GLN A 112 12.53 19.46 -12.08
CA GLN A 112 13.37 18.63 -11.22
C GLN A 112 12.58 17.35 -10.94
N LYS A 113 12.88 16.32 -11.74
CA LYS A 113 12.04 15.13 -11.83
C LYS A 113 12.68 13.96 -11.08
N PHE A 114 11.88 13.27 -10.29
CA PHE A 114 12.37 12.11 -9.56
C PHE A 114 11.64 10.86 -10.07
N GLN A 115 11.13 10.03 -9.18
CA GLN A 115 10.60 8.71 -9.57
C GLN A 115 9.19 8.84 -10.18
N LYS A 116 8.86 7.91 -11.06
CA LYS A 116 7.48 7.74 -11.47
C LYS A 116 6.76 6.79 -10.50
N VAL A 117 5.45 6.98 -10.41
CA VAL A 117 4.63 6.34 -9.38
C VAL A 117 3.86 5.17 -9.99
N LYS A 118 3.96 4.03 -9.32
CA LYS A 118 3.16 2.86 -9.71
C LYS A 118 1.75 2.98 -9.15
N GLY A 119 1.61 3.35 -7.89
CA GLY A 119 0.25 3.59 -7.35
C GLY A 119 0.10 3.26 -5.89
N PHE A 120 -1.16 3.01 -5.51
CA PHE A 120 -1.61 2.90 -4.13
C PHE A 120 -2.67 1.82 -4.04
N GLY A 121 -2.64 1.10 -2.92
CA GLY A 121 -3.75 0.15 -2.66
C GLY A 121 -3.63 -0.53 -1.32
N GLY A 122 -4.12 -1.76 -1.27
CA GLY A 122 -4.20 -2.51 -0.02
C GLY A 122 -4.31 -4.01 -0.25
N ALA A 123 -4.42 -4.78 0.82
CA ALA A 123 -4.32 -6.24 0.71
C ALA A 123 -5.67 -6.97 0.86
N MET A 124 -5.97 -7.84 -0.10
CA MET A 124 -7.12 -8.76 -0.04
C MET A 124 -6.69 -10.06 0.65
N THR A 125 -6.52 -9.96 1.99
CA THR A 125 -6.32 -11.09 2.84
C THR A 125 -7.64 -11.86 3.01
N ASP A 126 -7.53 -13.07 3.53
CA ASP A 126 -8.72 -13.82 3.89
C ASP A 126 -9.58 -13.03 4.88
N ALA A 127 -8.93 -12.42 5.87
CA ALA A 127 -9.61 -11.62 6.88
C ALA A 127 -10.38 -10.48 6.19
N ALA A 128 -9.76 -9.78 5.23
CA ALA A 128 -10.43 -8.66 4.57
C ALA A 128 -11.65 -9.16 3.78
N ALA A 129 -11.48 -10.24 3.06
CA ALA A 129 -12.54 -10.81 2.23
C ALA A 129 -13.70 -11.27 3.13
N LEU A 130 -13.39 -11.88 4.27
CA LEU A 130 -14.45 -12.41 5.18
C LEU A 130 -15.29 -11.24 5.77
N ASN A 131 -14.60 -10.16 6.11
CA ASN A 131 -15.20 -8.96 6.63
C ASN A 131 -16.09 -8.33 5.55
N ILE A 132 -15.56 -8.13 4.35
CA ILE A 132 -16.37 -7.53 3.32
C ILE A 132 -17.60 -8.39 3.04
N LEU A 133 -17.43 -9.71 2.92
CA LEU A 133 -18.55 -10.54 2.46
C LEU A 133 -19.56 -10.79 3.59
N ALA A 134 -19.24 -10.40 4.83
CA ALA A 134 -20.18 -10.50 5.93
C ALA A 134 -21.18 -9.34 5.88
N LEU A 135 -20.88 -8.28 5.09
CA LEU A 135 -21.79 -7.16 4.87
C LEU A 135 -22.88 -7.58 3.89
N SER A 136 -24.01 -6.88 3.93
CA SER A 136 -25.07 -7.02 2.92
C SER A 136 -24.47 -6.65 1.55
N PRO A 137 -24.98 -7.24 0.48
CA PRO A 137 -24.55 -6.86 -0.88
C PRO A 137 -24.45 -5.33 -1.12
N PRO A 138 -25.46 -4.55 -0.77
CA PRO A 138 -25.33 -3.09 -0.88
C PRO A 138 -24.14 -2.52 -0.12
N ALA A 139 -23.99 -2.89 1.13
CA ALA A 139 -22.89 -2.33 1.90
C ALA A 139 -21.55 -2.82 1.34
N GLN A 140 -21.47 -4.09 0.91
CA GLN A 140 -20.26 -4.58 0.25
C GLN A 140 -19.87 -3.65 -0.91
N ASN A 141 -20.87 -3.29 -1.72
CA ASN A 141 -20.66 -2.51 -2.93
C ASN A 141 -20.13 -1.10 -2.58
N LEU A 142 -20.73 -0.51 -1.56
CA LEU A 142 -20.34 0.85 -1.14
C LEU A 142 -18.93 0.83 -0.52
N LEU A 143 -18.57 -0.28 0.13
CA LEU A 143 -17.21 -0.47 0.64
C LEU A 143 -16.22 -0.55 -0.56
N LEU A 144 -16.50 -1.44 -1.51
CA LEU A 144 -15.58 -1.60 -2.67
C LEU A 144 -15.48 -0.31 -3.49
N LYS A 145 -16.59 0.40 -3.67
CA LYS A 145 -16.60 1.72 -4.37
C LYS A 145 -15.75 2.71 -3.58
N SER A 146 -15.83 2.70 -2.25
CA SER A 146 -15.02 3.62 -1.45
C SER A 146 -13.55 3.54 -1.86
N TYR A 147 -13.05 2.33 -2.04
CA TYR A 147 -11.64 2.12 -2.36
C TYR A 147 -11.35 2.19 -3.86
N PHE A 148 -12.20 1.60 -4.73
CA PHE A 148 -11.78 1.29 -6.10
C PHE A 148 -12.50 2.12 -7.16
N SER A 149 -13.50 2.92 -6.84
CA SER A 149 -14.13 3.68 -7.90
C SER A 149 -13.64 5.15 -7.86
N GLU A 150 -13.93 5.89 -8.91
CA GLU A 150 -13.62 7.33 -8.92
C GLU A 150 -14.60 8.07 -7.99
N GLU A 151 -15.70 7.44 -7.59
CA GLU A 151 -16.58 8.03 -6.53
C GLU A 151 -15.96 7.81 -5.14
N GLY A 152 -14.86 7.06 -5.09
CA GLY A 152 -14.06 6.83 -3.86
C GLY A 152 -12.64 7.32 -4.07
N ILE A 153 -11.65 6.56 -3.60
CA ILE A 153 -10.27 7.11 -3.57
C ILE A 153 -9.36 6.43 -4.60
N GLY A 154 -9.92 5.70 -5.56
CA GLY A 154 -9.21 5.28 -6.79
C GLY A 154 -7.98 4.41 -6.60
N TYR A 155 -7.99 3.48 -5.63
CA TYR A 155 -6.94 2.46 -5.52
C TYR A 155 -6.66 1.76 -6.85
N ASN A 156 -5.36 1.50 -7.13
CA ASN A 156 -5.01 0.73 -8.31
C ASN A 156 -4.06 -0.45 -8.01
N ILE A 157 -3.86 -0.81 -6.75
CA ILE A 157 -3.02 -1.95 -6.39
C ILE A 157 -3.80 -2.84 -5.40
N ILE A 158 -3.75 -4.15 -5.66
CA ILE A 158 -4.20 -5.12 -4.66
C ILE A 158 -3.10 -6.16 -4.41
N ARG A 159 -2.73 -6.33 -3.14
CA ARG A 159 -1.79 -7.36 -2.73
C ARG A 159 -2.61 -8.59 -2.35
N VAL A 160 -2.18 -9.73 -2.90
CA VAL A 160 -2.87 -11.01 -2.73
C VAL A 160 -1.90 -12.00 -2.05
N PRO A 161 -2.22 -12.43 -0.81
CA PRO A 161 -1.43 -13.49 -0.23
C PRO A 161 -1.53 -14.79 -1.04
N MET A 162 -0.39 -15.48 -1.18
CA MET A 162 -0.38 -16.84 -1.74
C MET A 162 -0.64 -17.81 -0.58
N ALA A 163 -1.93 -18.17 -0.48
CA ALA A 163 -2.47 -19.03 0.58
C ALA A 163 -2.52 -18.29 1.94
N SER A 164 -2.32 -18.99 3.05
CA SER A 164 -2.76 -18.46 4.34
C SER A 164 -1.68 -17.60 4.99
N CYS A 165 -2.13 -16.66 5.82
CA CYS A 165 -1.22 -15.90 6.63
C CYS A 165 -1.79 -15.75 8.04
N ASP A 166 -1.29 -14.81 8.84
CA ASP A 166 -1.88 -14.61 10.15
C ASP A 166 -3.35 -14.09 10.03
N PHE A 167 -3.61 -13.26 9.02
CA PHE A 167 -4.93 -12.74 8.70
C PHE A 167 -5.72 -13.77 7.88
N SER A 168 -5.79 -14.97 8.47
CA SER A 168 -6.52 -16.14 7.99
C SER A 168 -7.13 -16.80 9.22
N ILE A 169 -8.21 -17.55 9.01
CA ILE A 169 -8.81 -18.32 10.08
C ILE A 169 -8.48 -19.81 9.93
N ARG A 170 -7.87 -20.21 8.80
CA ARG A 170 -7.49 -21.59 8.50
C ARG A 170 -6.03 -21.58 8.05
N THR A 171 -5.26 -22.57 8.47
CA THR A 171 -3.88 -22.70 7.99
C THR A 171 -3.92 -23.71 6.85
N TYR A 172 -3.44 -23.30 5.69
CA TYR A 172 -3.44 -24.14 4.49
C TYR A 172 -2.35 -23.58 3.54
N THR A 173 -1.89 -24.43 2.62
CA THR A 173 -1.19 -23.98 1.41
C THR A 173 -1.99 -24.47 0.22
N TYR A 174 -1.54 -24.13 -0.97
CA TYR A 174 -2.15 -24.68 -2.15
C TYR A 174 -1.67 -26.09 -2.47
N ALA A 175 -0.69 -26.63 -1.72
CA ALA A 175 -0.18 -28.00 -2.02
C ALA A 175 0.15 -28.78 -0.75
N ASP A 176 -0.87 -29.05 0.06
CA ASP A 176 -0.68 -29.72 1.35
C ASP A 176 -0.53 -31.26 1.26
N THR A 177 -0.82 -31.85 0.12
CA THR A 177 -0.55 -33.28 -0.06
C THR A 177 0.96 -33.52 -0.07
N PRO A 178 1.49 -34.29 0.91
CA PRO A 178 2.93 -34.47 1.07
C PRO A 178 3.64 -35.06 -0.16
N ASP A 179 4.87 -34.60 -0.36
CA ASP A 179 5.82 -35.17 -1.32
C ASP A 179 5.34 -35.13 -2.78
N ASP A 180 4.52 -34.12 -3.09
CA ASP A 180 3.98 -33.90 -4.42
C ASP A 180 4.92 -32.92 -5.18
N PHE A 181 6.11 -33.39 -5.51
CA PHE A 181 7.15 -32.47 -6.01
C PHE A 181 6.77 -31.94 -7.38
N GLN A 182 6.01 -32.67 -8.18
CA GLN A 182 5.57 -32.13 -9.48
C GLN A 182 4.30 -31.27 -9.31
N LEU A 183 3.76 -31.18 -8.09
CA LEU A 183 2.61 -30.30 -7.75
C LEU A 183 1.36 -30.64 -8.57
N HIS A 184 1.13 -31.92 -8.78
CA HIS A 184 -0.06 -32.39 -9.50
C HIS A 184 -1.33 -32.07 -8.69
N ASN A 185 -1.22 -32.01 -7.36
CA ASN A 185 -2.36 -31.73 -6.48
C ASN A 185 -2.34 -30.27 -5.99
N PHE A 186 -1.63 -29.39 -6.69
CA PHE A 186 -1.76 -27.93 -6.45
C PHE A 186 -3.19 -27.51 -6.81
N SER A 187 -3.84 -26.77 -5.93
CA SER A 187 -5.16 -26.25 -6.24
C SER A 187 -5.53 -25.08 -5.31
N LEU A 188 -6.36 -24.20 -5.85
CA LEU A 188 -6.91 -23.09 -5.09
C LEU A 188 -8.13 -23.56 -4.30
N PRO A 189 -8.13 -23.33 -2.99
CA PRO A 189 -9.24 -23.63 -2.12
C PRO A 189 -10.29 -22.52 -2.20
N GLU A 190 -11.35 -22.67 -1.42
CA GLU A 190 -12.47 -21.74 -1.54
C GLU A 190 -12.07 -20.35 -1.06
N GLU A 191 -11.05 -20.21 -0.18
CA GLU A 191 -10.62 -18.86 0.24
C GLU A 191 -10.27 -18.01 -1.00
N ASP A 192 -9.69 -18.65 -2.00
CA ASP A 192 -9.43 -18.00 -3.27
C ASP A 192 -10.65 -17.97 -4.21
N THR A 193 -11.28 -19.11 -4.44
CA THR A 193 -12.26 -19.23 -5.54
C THR A 193 -13.61 -18.60 -5.16
N LYS A 194 -13.96 -18.63 -3.88
CA LYS A 194 -15.25 -18.10 -3.42
C LYS A 194 -15.11 -16.72 -2.77
N LEU A 195 -13.96 -16.37 -2.19
CA LEU A 195 -13.85 -15.13 -1.43
C LEU A 195 -12.97 -14.10 -2.15
N LYS A 196 -11.68 -14.40 -2.31
CA LYS A 196 -10.72 -13.36 -2.79
C LYS A 196 -10.94 -13.06 -4.26
N ILE A 197 -11.02 -14.11 -5.08
CA ILE A 197 -11.07 -13.90 -6.54
C ILE A 197 -12.35 -13.15 -6.94
N PRO A 198 -13.53 -13.58 -6.49
CA PRO A 198 -14.75 -12.78 -6.87
C PRO A 198 -14.69 -11.31 -6.42
N LEU A 199 -14.15 -11.03 -5.22
CA LEU A 199 -14.03 -9.63 -4.76
C LEU A 199 -13.04 -8.87 -5.65
N ILE A 200 -11.96 -9.53 -6.04
CA ILE A 200 -10.98 -8.82 -6.87
C ILE A 200 -11.65 -8.48 -8.21
N HIS A 201 -12.40 -9.43 -8.75
CA HIS A 201 -13.13 -9.16 -10.01
C HIS A 201 -14.11 -7.98 -9.83
N ARG A 202 -14.78 -7.88 -8.68
CA ARG A 202 -15.76 -6.80 -8.50
C ARG A 202 -15.02 -5.46 -8.38
N ALA A 203 -13.87 -5.44 -7.70
CA ALA A 203 -13.05 -4.23 -7.62
C ALA A 203 -12.62 -3.78 -9.03
N LEU A 204 -12.23 -4.73 -9.87
CA LEU A 204 -11.78 -4.44 -11.22
C LEU A 204 -12.94 -3.85 -12.03
N GLN A 205 -14.16 -4.33 -11.83
CA GLN A 205 -15.29 -3.83 -12.60
C GLN A 205 -15.62 -2.37 -12.18
N LEU A 206 -15.40 -2.03 -10.93
CA LEU A 206 -15.72 -0.68 -10.42
C LEU A 206 -14.63 0.34 -10.82
N ALA A 207 -13.42 -0.14 -11.07
CA ALA A 207 -12.30 0.77 -11.31
C ALA A 207 -12.28 1.25 -12.78
N GLN A 208 -11.98 2.53 -12.98
CA GLN A 208 -11.64 3.07 -14.32
C GLN A 208 -10.13 3.02 -14.53
N ARG A 209 -9.34 3.08 -13.47
CA ARG A 209 -7.88 2.92 -13.56
C ARG A 209 -7.54 1.43 -13.69
N PRO A 210 -6.55 1.08 -14.53
CA PRO A 210 -6.03 -0.29 -14.58
C PRO A 210 -5.52 -0.67 -13.18
N VAL A 211 -5.90 -1.86 -12.70
CA VAL A 211 -5.49 -2.30 -11.39
C VAL A 211 -4.36 -3.33 -11.53
N SER A 212 -3.32 -3.21 -10.71
CA SER A 212 -2.19 -4.09 -10.71
C SER A 212 -2.27 -5.00 -9.47
N LEU A 213 -2.05 -6.29 -9.67
CA LEU A 213 -2.01 -7.25 -8.55
C LEU A 213 -0.56 -7.59 -8.18
N LEU A 214 -0.33 -7.75 -6.89
CA LEU A 214 0.97 -8.14 -6.33
C LEU A 214 0.76 -9.39 -5.43
N ALA A 215 1.52 -10.46 -5.67
CA ALA A 215 1.40 -11.71 -4.89
C ALA A 215 2.60 -11.92 -3.95
N SER A 216 2.33 -12.39 -2.74
CA SER A 216 3.38 -12.67 -1.76
C SER A 216 3.03 -13.96 -1.00
N PRO A 217 3.96 -14.89 -0.89
CA PRO A 217 3.74 -16.09 -0.04
C PRO A 217 4.21 -15.93 1.41
N TRP A 218 3.50 -16.51 2.37
CA TRP A 218 4.03 -16.52 3.74
C TRP A 218 4.78 -17.83 4.03
N THR A 219 4.13 -18.96 3.75
CA THR A 219 4.76 -20.25 3.97
C THR A 219 4.62 -21.11 2.72
N SER A 220 5.61 -21.98 2.57
CA SER A 220 5.54 -23.12 1.63
C SER A 220 4.76 -24.27 2.29
N PRO A 221 4.34 -25.24 1.49
CA PRO A 221 3.97 -26.53 2.09
C PRO A 221 4.98 -27.00 3.15
N THR A 222 4.48 -27.64 4.20
CA THR A 222 5.33 -27.97 5.36
C THR A 222 6.34 -29.07 4.97
N TRP A 223 6.00 -29.92 4.00
CA TRP A 223 6.90 -31.01 3.55
C TRP A 223 8.09 -30.47 2.72
N LEU A 224 8.12 -29.16 2.41
CA LEU A 224 9.31 -28.55 1.79
C LEU A 224 10.20 -27.89 2.86
N LYS A 225 9.82 -27.93 4.15
CA LYS A 225 10.47 -27.10 5.18
C LYS A 225 11.24 -27.95 6.20
N THR A 226 12.36 -27.39 6.67
CA THR A 226 13.25 -28.05 7.64
C THR A 226 12.51 -28.44 8.92
N ASN A 227 11.50 -27.67 9.32
CA ASN A 227 10.82 -27.86 10.63
C ASN A 227 9.46 -28.54 10.45
N GLY A 228 8.98 -28.72 9.23
CA GLY A 228 7.74 -29.43 9.00
C GLY A 228 6.53 -28.74 9.64
N ALA A 229 6.57 -27.41 9.78
CA ALA A 229 5.45 -26.66 10.34
C ALA A 229 5.26 -25.37 9.54
N VAL A 230 4.05 -24.81 9.55
CA VAL A 230 3.78 -23.55 8.81
C VAL A 230 4.48 -22.37 9.48
N ASN A 231 4.70 -22.46 10.78
CA ASN A 231 5.26 -21.36 11.60
C ASN A 231 6.55 -21.85 12.26
N GLY A 232 7.11 -21.09 13.20
CA GLY A 232 8.35 -21.48 13.83
C GLY A 232 9.53 -21.19 12.92
N LYS A 233 10.71 -21.39 13.48
CA LYS A 233 11.95 -21.23 12.74
C LYS A 233 12.07 -22.38 11.72
N GLY A 234 12.10 -22.03 10.44
CA GLY A 234 12.22 -23.02 9.40
C GLY A 234 12.36 -22.40 8.03
N SER A 235 13.13 -23.08 7.19
CA SER A 235 13.37 -22.66 5.83
C SER A 235 13.07 -23.82 4.87
N LEU A 236 13.28 -23.58 3.57
CA LEU A 236 13.28 -24.68 2.62
C LEU A 236 14.40 -25.66 2.95
N LYS A 237 14.10 -26.95 2.80
CA LYS A 237 15.12 -27.97 2.95
C LYS A 237 16.12 -27.85 1.79
N GLY A 238 17.32 -28.38 2.00
CA GLY A 238 18.32 -28.46 0.96
C GLY A 238 18.92 -27.09 0.66
N GLN A 239 19.18 -26.85 -0.62
CA GLN A 239 19.89 -25.66 -1.09
C GLN A 239 19.32 -25.23 -2.44
N PRO A 240 19.35 -23.93 -2.73
CA PRO A 240 18.98 -23.42 -4.06
C PRO A 240 19.53 -24.31 -5.19
N GLY A 241 18.68 -24.56 -6.19
CA GLY A 241 18.97 -25.35 -7.36
C GLY A 241 18.56 -26.82 -7.24
N ASP A 242 18.12 -27.25 -6.06
CA ASP A 242 17.67 -28.64 -5.86
C ASP A 242 16.14 -28.80 -5.97
N ILE A 243 15.71 -30.05 -5.79
CA ILE A 243 14.31 -30.40 -5.95
C ILE A 243 13.40 -29.57 -5.05
N TYR A 244 13.83 -29.27 -3.82
CA TYR A 244 12.95 -28.56 -2.90
C TYR A 244 12.75 -27.12 -3.39
N HIS A 245 13.85 -26.49 -3.80
CA HIS A 245 13.85 -25.11 -4.23
C HIS A 245 13.17 -24.98 -5.60
N GLN A 246 13.40 -25.97 -6.46
CA GLN A 246 12.75 -25.97 -7.78
C GLN A 246 11.23 -26.17 -7.65
N THR A 247 10.81 -27.03 -6.71
CA THR A 247 9.39 -27.22 -6.46
C THR A 247 8.76 -25.91 -5.96
N TRP A 248 9.47 -25.22 -5.06
CA TRP A 248 8.97 -23.99 -4.51
C TRP A 248 8.84 -22.96 -5.65
N ALA A 249 9.86 -22.81 -6.51
CA ALA A 249 9.73 -21.87 -7.66
C ALA A 249 8.54 -22.26 -8.56
N ARG A 250 8.41 -23.55 -8.83
CA ARG A 250 7.32 -24.04 -9.66
C ARG A 250 5.96 -23.70 -9.04
N TYR A 251 5.86 -23.68 -7.71
CA TYR A 251 4.62 -23.31 -7.02
C TYR A 251 4.22 -21.88 -7.34
N PHE A 252 5.18 -20.97 -7.51
CA PHE A 252 4.83 -19.61 -7.92
C PHE A 252 4.16 -19.63 -9.30
N VAL A 253 4.72 -20.42 -10.22
CA VAL A 253 4.18 -20.51 -11.58
C VAL A 253 2.78 -21.16 -11.53
N LYS A 254 2.61 -22.25 -10.79
CA LYS A 254 1.27 -22.88 -10.63
C LYS A 254 0.25 -21.87 -10.05
N PHE A 255 0.67 -21.08 -9.05
CA PHE A 255 -0.17 -20.01 -8.50
C PHE A 255 -0.61 -19.05 -9.63
N LEU A 256 0.36 -18.54 -10.41
CA LEU A 256 0.01 -17.59 -11.51
C LEU A 256 -0.86 -18.27 -12.58
N ASP A 257 -0.59 -19.53 -12.89
CA ASP A 257 -1.40 -20.30 -13.82
C ASP A 257 -2.84 -20.38 -13.30
N ALA A 258 -2.98 -20.68 -12.01
CA ALA A 258 -4.30 -20.89 -11.43
C ALA A 258 -5.09 -19.58 -11.45
N TYR A 259 -4.47 -18.47 -11.03
CA TYR A 259 -5.16 -17.15 -11.09
C TYR A 259 -5.45 -16.78 -12.55
N ALA A 260 -4.54 -17.11 -13.47
CA ALA A 260 -4.76 -16.80 -14.91
C ALA A 260 -5.98 -17.56 -15.46
N GLU A 261 -6.23 -18.80 -14.98
CA GLU A 261 -7.45 -19.55 -15.39
C GLU A 261 -8.71 -18.79 -14.93
N HIS A 262 -8.57 -17.98 -13.87
CA HIS A 262 -9.64 -17.14 -13.36
C HIS A 262 -9.58 -15.72 -13.95
N LYS A 263 -8.81 -15.53 -15.02
CA LYS A 263 -8.74 -14.29 -15.80
C LYS A 263 -8.11 -13.15 -14.98
N LEU A 264 -7.18 -13.48 -14.08
CA LEU A 264 -6.44 -12.47 -13.31
C LEU A 264 -4.94 -12.65 -13.57
N GLN A 265 -4.29 -11.57 -13.98
CA GLN A 265 -2.85 -11.55 -14.24
C GLN A 265 -2.19 -10.63 -13.22
N PHE A 266 -0.94 -10.93 -12.91
CA PHE A 266 -0.20 -10.19 -11.89
C PHE A 266 0.84 -9.25 -12.51
N TRP A 267 0.97 -8.10 -11.85
CA TRP A 267 2.02 -7.13 -12.16
C TRP A 267 3.36 -7.60 -11.57
N ALA A 268 3.31 -8.14 -10.34
CA ALA A 268 4.55 -8.49 -9.60
C ALA A 268 4.25 -9.57 -8.57
N VAL A 269 5.32 -10.25 -8.18
CA VAL A 269 5.36 -11.12 -7.01
C VAL A 269 6.56 -10.69 -6.15
N THR A 270 6.47 -10.92 -4.85
CA THR A 270 7.64 -10.81 -3.98
C THR A 270 8.22 -12.21 -3.72
N ALA A 271 9.49 -12.24 -3.32
CA ALA A 271 10.29 -13.49 -3.24
C ALA A 271 9.91 -14.32 -2.00
N GLU A 272 9.24 -13.67 -1.06
CA GLU A 272 8.79 -14.21 0.26
C GLU A 272 8.29 -13.02 1.08
N ASN A 273 7.15 -13.17 1.76
CA ASN A 273 6.76 -12.15 2.73
C ASN A 273 7.69 -12.23 3.96
N GLU A 274 8.36 -11.16 4.33
CA GLU A 274 9.18 -11.08 5.55
C GLU A 274 10.05 -12.32 5.75
N PRO A 275 11.00 -12.54 4.83
CA PRO A 275 11.90 -13.69 4.93
C PRO A 275 12.69 -13.74 6.26
N SER A 276 12.97 -12.59 6.87
CA SER A 276 13.70 -12.58 8.13
C SER A 276 12.91 -13.25 9.26
N ALA A 277 11.57 -13.22 9.20
CA ALA A 277 10.71 -13.77 10.26
C ALA A 277 10.96 -15.26 10.48
N GLY A 278 11.14 -16.00 9.39
CA GLY A 278 11.34 -17.46 9.49
C GLY A 278 12.71 -17.85 10.04
N LEU A 279 13.61 -16.89 10.31
CA LEU A 279 14.87 -17.21 10.94
C LEU A 279 14.71 -17.20 12.47
N LEU A 280 13.52 -16.92 12.98
CA LEU A 280 13.35 -16.57 14.40
C LEU A 280 12.70 -17.73 15.15
N SER A 281 13.35 -18.15 16.22
CA SER A 281 12.86 -19.19 17.05
C SER A 281 11.47 -18.78 17.56
N GLY A 282 10.53 -19.71 17.48
CA GLY A 282 9.20 -19.50 18.01
C GLY A 282 8.31 -18.62 17.14
N TYR A 283 8.69 -18.27 15.90
CA TYR A 283 7.90 -17.32 15.18
C TYR A 283 6.45 -17.83 15.14
N PRO A 284 5.47 -16.99 15.58
CA PRO A 284 4.10 -17.52 15.84
C PRO A 284 3.20 -17.91 14.65
N PHE A 285 3.45 -17.38 13.46
CA PHE A 285 2.54 -17.68 12.34
C PHE A 285 3.35 -17.95 11.06
N GLN A 286 2.63 -18.12 9.94
CA GLN A 286 3.18 -18.66 8.71
C GLN A 286 4.40 -17.84 8.29
N CYS A 287 5.49 -18.55 8.01
CA CYS A 287 6.74 -17.92 7.57
C CYS A 287 7.61 -18.93 6.81
N LEU A 288 8.67 -18.40 6.24
CA LEU A 288 9.66 -19.20 5.53
C LEU A 288 10.95 -18.39 5.54
N GLY A 289 11.92 -18.89 6.30
CA GLY A 289 13.15 -18.16 6.56
C GLY A 289 14.13 -18.20 5.40
N PHE A 290 14.60 -17.03 5.01
CA PHE A 290 15.75 -16.89 4.11
C PHE A 290 16.73 -15.85 4.66
N THR A 291 18.00 -16.21 4.79
CA THR A 291 19.05 -15.20 4.91
C THR A 291 19.13 -14.40 3.59
N PRO A 292 19.76 -13.23 3.60
CA PRO A 292 19.90 -12.56 2.29
C PRO A 292 20.66 -13.40 1.25
N GLU A 293 21.68 -14.15 1.66
CA GLU A 293 22.43 -15.07 0.77
C GLU A 293 21.49 -16.18 0.24
N HIS A 294 20.64 -16.71 1.11
CA HIS A 294 19.68 -17.74 0.66
C HIS A 294 18.70 -17.15 -0.37
N GLN A 295 18.19 -15.94 -0.10
CA GLN A 295 17.30 -15.29 -1.06
C GLN A 295 18.04 -15.05 -2.38
N ARG A 296 19.25 -14.53 -2.30
CA ARG A 296 20.06 -14.28 -3.49
C ARG A 296 20.15 -15.54 -4.37
N ASP A 297 20.51 -16.64 -3.77
CA ASP A 297 20.73 -17.88 -4.53
C ASP A 297 19.45 -18.50 -5.02
N PHE A 298 18.40 -18.43 -4.22
CA PHE A 298 17.06 -18.91 -4.62
C PHE A 298 16.55 -18.12 -5.84
N ILE A 299 16.75 -16.81 -5.84
CA ILE A 299 16.34 -15.99 -6.96
C ILE A 299 17.19 -16.32 -8.19
N ALA A 300 18.51 -16.40 -8.02
CA ALA A 300 19.42 -16.61 -9.15
C ALA A 300 19.24 -18.00 -9.79
N ARG A 301 19.05 -19.04 -8.97
CA ARG A 301 19.11 -20.44 -9.47
C ARG A 301 17.71 -21.00 -9.72
N ASP A 302 16.71 -20.52 -9.00
CA ASP A 302 15.38 -21.12 -9.05
C ASP A 302 14.27 -20.18 -9.49
N LEU A 303 13.99 -19.15 -8.70
CA LEU A 303 12.77 -18.37 -8.95
C LEU A 303 12.92 -17.55 -10.23
N GLY A 304 14.07 -16.90 -10.40
CA GLY A 304 14.29 -16.07 -11.57
C GLY A 304 14.14 -16.84 -12.87
N PRO A 305 14.98 -17.88 -13.04
CA PRO A 305 14.93 -18.73 -14.22
C PRO A 305 13.54 -19.35 -14.44
N THR A 306 12.88 -19.81 -13.35
CA THR A 306 11.59 -20.48 -13.53
C THR A 306 10.51 -19.50 -14.03
N LEU A 307 10.45 -18.28 -13.49
CA LEU A 307 9.50 -17.25 -13.95
C LEU A 307 9.83 -16.84 -15.38
N ALA A 308 11.12 -16.64 -15.66
CA ALA A 308 11.55 -16.15 -17.00
C ALA A 308 11.21 -17.15 -18.09
N ASN A 309 11.16 -18.43 -17.75
CA ASN A 309 10.88 -19.50 -18.68
C ASN A 309 9.38 -19.83 -18.73
N SER A 310 8.54 -19.04 -18.07
CA SER A 310 7.10 -19.34 -18.02
C SER A 310 6.34 -18.37 -18.93
N THR A 311 5.03 -18.61 -19.05
CA THR A 311 4.17 -17.66 -19.74
C THR A 311 4.09 -16.35 -18.93
N HIS A 312 4.52 -16.36 -17.66
CA HIS A 312 4.40 -15.18 -16.79
C HIS A 312 5.70 -14.38 -16.72
N HIS A 313 6.55 -14.50 -17.73
CA HIS A 313 7.89 -13.90 -17.66
C HIS A 313 7.82 -12.37 -17.51
N ASN A 314 6.72 -11.73 -17.87
CA ASN A 314 6.61 -10.27 -17.76
C ASN A 314 6.23 -9.85 -16.34
N VAL A 315 5.90 -10.80 -15.47
CA VAL A 315 5.64 -10.51 -14.05
C VAL A 315 6.96 -10.06 -13.40
N ARG A 316 6.92 -8.95 -12.67
CA ARG A 316 8.07 -8.42 -12.03
C ARG A 316 8.35 -9.17 -10.72
N LEU A 317 9.62 -9.27 -10.36
CA LEU A 317 10.01 -9.91 -9.12
C LEU A 317 10.60 -8.86 -8.19
N LEU A 318 10.04 -8.77 -6.98
CA LEU A 318 10.49 -7.84 -5.98
C LEU A 318 11.14 -8.64 -4.83
N MET A 319 12.31 -8.18 -4.39
CA MET A 319 13.04 -8.80 -3.30
C MET A 319 12.69 -8.11 -1.98
N LEU A 320 13.19 -8.73 -0.91
CA LEU A 320 13.10 -8.27 0.48
C LEU A 320 11.67 -8.43 1.04
N ASP A 321 10.74 -7.53 0.69
CA ASP A 321 9.37 -7.57 1.21
C ASP A 321 9.38 -7.64 2.75
N ASP A 322 10.15 -6.76 3.37
CA ASP A 322 10.47 -6.85 4.78
C ASP A 322 10.84 -5.46 5.27
N GLN A 323 11.16 -5.35 6.56
CA GLN A 323 11.34 -4.05 7.21
C GLN A 323 12.64 -3.37 6.76
N ARG A 324 12.66 -2.04 6.85
CA ARG A 324 13.73 -1.22 6.23
C ARG A 324 15.09 -1.38 6.93
N LEU A 325 15.19 -1.79 8.20
CA LEU A 325 16.50 -1.83 8.81
C LEU A 325 17.33 -2.99 8.22
N LEU A 326 16.73 -3.83 7.38
CA LEU A 326 17.48 -4.85 6.66
C LEU A 326 18.22 -4.24 5.47
N LEU A 327 17.98 -2.95 5.21
CA LEU A 327 18.67 -2.22 4.12
C LEU A 327 19.72 -1.28 4.70
N PRO A 328 20.81 -1.02 3.97
CA PRO A 328 21.03 -1.50 2.59
C PRO A 328 21.61 -2.92 2.50
N HIS A 329 21.95 -3.57 3.62
CA HIS A 329 22.69 -4.84 3.59
C HIS A 329 22.06 -5.85 2.62
N TRP A 330 20.75 -6.05 2.70
CA TRP A 330 20.09 -7.08 1.91
C TRP A 330 20.21 -6.80 0.41
N ALA A 331 20.06 -5.52 0.05
CA ALA A 331 20.20 -5.08 -1.32
C ALA A 331 21.65 -5.30 -1.81
N LYS A 332 22.63 -5.01 -0.94
CA LYS A 332 24.04 -5.24 -1.28
C LYS A 332 24.26 -6.74 -1.55
N VAL A 333 23.75 -7.60 -0.69
CA VAL A 333 23.99 -9.02 -0.83
C VAL A 333 23.38 -9.52 -2.15
N VAL A 334 22.13 -9.17 -2.43
CA VAL A 334 21.44 -9.74 -3.58
C VAL A 334 21.91 -9.07 -4.87
N LEU A 335 22.00 -7.73 -4.89
CA LEU A 335 22.08 -7.01 -6.16
C LEU A 335 23.52 -6.91 -6.66
N THR A 336 24.53 -7.22 -5.83
CA THR A 336 25.90 -7.24 -6.30
C THR A 336 26.23 -8.60 -6.93
N ASP A 337 25.30 -9.55 -6.93
CA ASP A 337 25.47 -10.82 -7.66
C ASP A 337 24.74 -10.68 -9.00
N PRO A 338 25.50 -10.63 -10.10
CA PRO A 338 24.84 -10.36 -11.36
C PRO A 338 23.82 -11.44 -11.74
N GLU A 339 24.03 -12.68 -11.30
CA GLU A 339 23.11 -13.78 -11.61
C GLU A 339 21.76 -13.59 -10.88
N ALA A 340 21.76 -12.98 -9.69
CA ALA A 340 20.49 -12.66 -9.00
C ALA A 340 19.93 -11.34 -9.55
N ALA A 341 20.84 -10.39 -9.75
CA ALA A 341 20.43 -9.02 -10.04
C ALA A 341 19.62 -8.96 -11.34
N LYS A 342 19.95 -9.83 -12.29
CA LYS A 342 19.31 -9.76 -13.60
C LYS A 342 17.83 -10.13 -13.50
N TYR A 343 17.38 -10.69 -12.39
CA TYR A 343 16.01 -11.13 -12.22
C TYR A 343 15.21 -10.21 -11.29
N VAL A 344 15.86 -9.26 -10.62
CA VAL A 344 15.20 -8.50 -9.57
C VAL A 344 14.80 -7.15 -10.16
N HIS A 345 13.51 -6.85 -10.15
CA HIS A 345 12.96 -5.60 -10.71
C HIS A 345 12.83 -4.51 -9.64
N GLY A 346 12.75 -4.87 -8.36
CA GLY A 346 12.58 -3.87 -7.34
C GLY A 346 12.79 -4.46 -5.95
N ILE A 347 12.76 -3.58 -4.96
CA ILE A 347 12.89 -3.91 -3.53
C ILE A 347 11.60 -3.48 -2.84
N ALA A 348 10.92 -4.44 -2.22
CA ALA A 348 9.67 -4.21 -1.52
C ALA A 348 9.99 -4.04 -0.03
N VAL A 349 9.39 -3.02 0.57
CA VAL A 349 9.61 -2.67 1.96
C VAL A 349 8.28 -2.59 2.72
N HIS A 350 8.32 -3.06 3.96
CA HIS A 350 7.25 -2.96 4.92
C HIS A 350 7.50 -1.83 5.91
N TRP A 351 6.41 -1.17 6.29
CA TRP A 351 6.40 -0.06 7.23
C TRP A 351 5.49 -0.41 8.39
N TYR A 352 6.09 -0.71 9.55
CA TYR A 352 5.34 -0.91 10.77
C TYR A 352 5.35 0.46 11.46
N LEU A 353 4.22 1.16 11.33
CA LEU A 353 4.16 2.58 11.68
C LEU A 353 4.17 2.79 13.20
N ASP A 354 3.99 1.73 13.98
CA ASP A 354 4.09 1.79 15.45
C ASP A 354 5.51 1.95 15.96
N PHE A 355 6.52 1.74 15.10
CA PHE A 355 7.89 1.66 15.60
C PHE A 355 8.76 2.66 14.83
N LEU A 356 9.75 3.17 15.50
CA LEU A 356 10.74 4.09 14.91
C LEU A 356 11.84 3.33 14.14
N ALA A 357 12.22 3.83 12.97
CA ALA A 357 13.45 3.36 12.29
C ALA A 357 13.97 4.44 11.34
N PRO A 358 15.29 4.48 11.13
CA PRO A 358 15.90 5.49 10.27
C PRO A 358 15.41 5.28 8.84
N ALA A 359 15.30 6.35 8.06
CA ALA A 359 14.90 6.27 6.66
C ALA A 359 16.10 6.61 5.76
N LYS A 360 16.89 7.62 6.16
CA LYS A 360 17.98 8.07 5.31
C LYS A 360 19.02 6.94 5.19
N ALA A 361 19.41 6.33 6.31
CA ALA A 361 20.45 5.31 6.37
C ALA A 361 20.00 3.98 5.72
N THR A 362 18.68 3.81 5.51
CA THR A 362 18.10 2.59 4.95
C THR A 362 17.65 2.86 3.50
N LEU A 363 16.47 3.46 3.31
CA LEU A 363 15.96 3.77 1.94
C LEU A 363 16.93 4.69 1.21
N GLY A 364 17.45 5.72 1.89
CA GLY A 364 18.29 6.70 1.19
C GLY A 364 19.57 6.09 0.66
N GLU A 365 20.23 5.34 1.52
CA GLU A 365 21.49 4.71 1.17
C GLU A 365 21.26 3.64 0.08
N THR A 366 20.15 2.91 0.15
CA THR A 366 19.84 1.89 -0.85
C THR A 366 19.65 2.56 -2.22
N HIS A 367 18.95 3.68 -2.25
CA HIS A 367 18.76 4.37 -3.49
C HIS A 367 20.08 4.93 -4.01
N ARG A 368 20.96 5.39 -3.12
CA ARG A 368 22.26 5.93 -3.54
C ARG A 368 23.11 4.83 -4.18
N LEU A 369 23.10 3.63 -3.59
CA LEU A 369 23.95 2.52 -4.05
C LEU A 369 23.32 1.86 -5.29
N PHE A 370 21.99 1.76 -5.34
CA PHE A 370 21.29 1.04 -6.40
C PHE A 370 20.20 1.91 -7.03
N PRO A 371 20.59 3.03 -7.66
CA PRO A 371 19.61 4.02 -8.17
C PRO A 371 18.67 3.47 -9.24
N ASN A 372 19.03 2.39 -9.92
CA ASN A 372 18.17 1.86 -11.01
C ASN A 372 17.23 0.75 -10.52
N THR A 373 17.25 0.40 -9.24
CA THR A 373 16.34 -0.62 -8.73
C THR A 373 15.22 0.11 -7.99
N MET A 374 13.99 -0.07 -8.44
CA MET A 374 12.91 0.68 -7.84
C MET A 374 12.67 0.18 -6.41
N LEU A 375 12.24 1.10 -5.56
CA LEU A 375 11.79 0.84 -4.18
C LEU A 375 10.27 0.95 -4.18
N PHE A 376 9.61 0.03 -3.45
CA PHE A 376 8.17 -0.06 -3.42
C PHE A 376 7.74 -0.44 -2.01
N ALA A 377 6.73 0.22 -1.46
CA ALA A 377 6.21 -0.09 -0.13
C ALA A 377 5.04 -1.06 -0.29
N SER A 378 5.26 -2.32 0.16
CA SER A 378 4.36 -3.42 -0.14
C SER A 378 3.41 -3.70 1.01
N GLU A 379 3.64 -3.14 2.20
CA GLU A 379 2.79 -3.39 3.35
C GLU A 379 3.06 -2.34 4.41
N ALA A 380 1.99 -1.81 5.00
CA ALA A 380 2.05 -0.87 6.11
C ALA A 380 0.90 -1.16 7.07
N CYS A 381 1.13 -0.96 8.36
CA CYS A 381 0.02 -1.07 9.29
C CYS A 381 0.37 -0.40 10.62
N VAL A 382 -0.69 -0.19 11.40
CA VAL A 382 -0.60 0.44 12.69
C VAL A 382 -1.49 -0.37 13.65
N GLY A 383 -1.24 -0.24 14.94
CA GLY A 383 -2.11 -0.85 15.94
C GLY A 383 -1.61 -2.21 16.40
N SER A 384 -0.39 -2.61 16.04
CA SER A 384 0.03 -4.01 16.36
C SER A 384 0.59 -4.12 17.78
N LYS A 385 0.87 -3.02 18.48
CA LYS A 385 1.42 -3.14 19.85
C LYS A 385 0.37 -3.78 20.76
N PHE A 386 0.71 -4.82 21.53
CA PHE A 386 -0.33 -5.52 22.34
C PHE A 386 -1.01 -4.56 23.31
N TRP A 387 -0.34 -3.47 23.68
CA TRP A 387 -0.82 -2.62 24.75
C TRP A 387 -1.59 -1.41 24.23
N GLU A 388 -1.81 -1.36 22.93
CA GLU A 388 -2.62 -0.32 22.38
C GLU A 388 -3.85 -0.99 21.78
N GLN A 389 -4.95 -0.28 21.77
CA GLN A 389 -6.14 -0.79 21.18
C GLN A 389 -5.85 -1.06 19.70
N SER A 390 -6.17 -2.27 19.22
CA SER A 390 -5.88 -2.61 17.81
C SER A 390 -6.63 -1.68 16.87
N VAL A 391 -7.91 -1.44 17.17
CA VAL A 391 -8.72 -0.55 16.39
C VAL A 391 -9.06 0.68 17.24
N ARG A 392 -8.60 1.87 16.81
CA ARG A 392 -8.97 3.11 17.45
C ARG A 392 -9.88 3.90 16.51
N LEU A 393 -11.20 3.74 16.67
CA LEU A 393 -12.16 4.34 15.74
C LEU A 393 -12.10 5.87 15.86
N GLY A 394 -11.59 6.53 14.80
CA GLY A 394 -11.57 7.99 14.71
C GLY A 394 -10.21 8.58 15.08
N SER A 395 -9.17 7.76 15.15
CA SER A 395 -7.83 8.23 15.55
C SER A 395 -7.22 9.12 14.47
N TRP A 396 -7.18 10.43 14.72
CA TRP A 396 -6.45 11.34 13.83
C TRP A 396 -4.94 11.04 13.86
N ASP A 397 -4.37 10.69 15.01
CA ASP A 397 -2.95 10.34 15.08
C ASP A 397 -2.56 9.22 14.08
N ARG A 398 -3.33 8.13 14.05
CA ARG A 398 -3.03 7.04 13.12
C ARG A 398 -3.22 7.51 11.67
N GLY A 399 -4.14 8.41 11.41
CA GLY A 399 -4.23 9.00 10.04
C GLY A 399 -2.94 9.71 9.66
N MET A 400 -2.50 10.58 10.57
CA MET A 400 -1.25 11.34 10.34
C MET A 400 -0.05 10.40 10.19
N GLN A 401 -0.04 9.24 10.89
CA GLN A 401 1.01 8.25 10.70
C GLN A 401 1.00 7.75 9.26
N TYR A 402 -0.18 7.46 8.71
CA TYR A 402 -0.30 7.01 7.34
C TYR A 402 0.26 8.08 6.38
N SER A 403 -0.20 9.33 6.50
CA SER A 403 0.19 10.31 5.46
C SER A 403 1.65 10.71 5.62
N HIS A 404 2.11 10.84 6.84
CA HIS A 404 3.51 11.13 7.07
C HIS A 404 4.42 10.02 6.50
N SER A 405 4.01 8.76 6.63
CA SER A 405 4.74 7.63 6.03
C SER A 405 4.74 7.73 4.50
N ILE A 406 3.60 8.02 3.92
CA ILE A 406 3.50 8.11 2.48
C ILE A 406 4.43 9.22 1.98
N ILE A 407 4.37 10.39 2.62
CA ILE A 407 5.23 11.49 2.19
C ILE A 407 6.69 11.08 2.32
N THR A 408 7.04 10.51 3.48
CA THR A 408 8.43 10.06 3.71
C THR A 408 8.87 9.09 2.61
N ASN A 409 8.01 8.12 2.30
CA ASN A 409 8.29 7.15 1.24
C ASN A 409 8.52 7.84 -0.12
N LEU A 410 7.62 8.74 -0.50
CA LEU A 410 7.72 9.41 -1.81
C LEU A 410 9.00 10.25 -1.87
N LEU A 411 9.40 10.86 -0.75
CA LEU A 411 10.58 11.75 -0.74
C LEU A 411 11.88 10.92 -0.74
N TYR A 412 11.78 9.62 -0.47
CA TYR A 412 12.92 8.70 -0.60
C TYR A 412 12.77 7.77 -1.81
N HIS A 413 12.08 8.24 -2.86
CA HIS A 413 12.14 7.64 -4.19
C HIS A 413 11.21 6.42 -4.33
N VAL A 414 10.40 6.14 -3.34
CA VAL A 414 9.56 4.93 -3.38
C VAL A 414 8.42 5.16 -4.37
N VAL A 415 8.08 4.15 -5.18
CA VAL A 415 7.20 4.33 -6.35
C VAL A 415 5.74 4.00 -6.00
N GLY A 416 5.49 3.48 -4.82
CA GLY A 416 4.13 3.09 -4.52
C GLY A 416 3.95 2.72 -3.07
N TRP A 417 2.72 2.59 -2.62
CA TRP A 417 2.46 2.38 -1.18
C TRP A 417 1.22 1.50 -1.05
N THR A 418 1.40 0.40 -0.36
CA THR A 418 0.34 -0.60 -0.25
C THR A 418 0.00 -0.81 1.22
N ASP A 419 -1.27 -0.56 1.54
CA ASP A 419 -1.82 -0.82 2.87
C ASP A 419 -1.87 -2.35 3.11
N TRP A 420 -2.02 -2.72 4.36
CA TRP A 420 -2.29 -4.10 4.73
C TRP A 420 -3.79 -4.38 4.57
N ASN A 421 -4.42 -5.09 5.51
CA ASN A 421 -5.82 -5.54 5.29
C ASN A 421 -6.76 -4.42 4.83
N LEU A 422 -7.55 -4.66 3.77
CA LEU A 422 -8.48 -3.65 3.27
C LEU A 422 -9.60 -3.37 4.29
N ALA A 423 -9.97 -4.35 5.09
CA ALA A 423 -11.05 -4.20 6.08
C ALA A 423 -10.81 -5.22 7.20
N LEU A 424 -11.12 -4.82 8.43
CA LEU A 424 -11.10 -5.69 9.61
C LEU A 424 -12.33 -5.44 10.47
N ASN A 425 -12.53 -6.34 11.43
CA ASN A 425 -13.65 -6.23 12.33
C ASN A 425 -13.24 -5.29 13.49
N PRO A 426 -14.16 -5.00 14.42
CA PRO A 426 -13.85 -4.05 15.52
C PRO A 426 -12.72 -4.48 16.46
N GLU A 427 -12.36 -5.76 16.41
CA GLU A 427 -11.29 -6.32 17.22
C GLU A 427 -9.96 -6.21 16.46
N GLY A 428 -9.99 -5.86 15.18
CA GLY A 428 -8.79 -5.87 14.28
C GLY A 428 -8.49 -7.26 13.70
N GLY A 429 -9.55 -8.08 13.56
CA GLY A 429 -9.45 -9.45 13.10
C GLY A 429 -10.43 -9.73 11.97
N PRO A 430 -10.65 -11.01 11.67
CA PRO A 430 -10.10 -12.18 12.35
C PRO A 430 -8.62 -12.42 12.06
N ASN A 431 -7.97 -13.14 12.97
CA ASN A 431 -6.55 -13.46 12.90
C ASN A 431 -6.32 -14.72 13.75
N TRP A 432 -5.81 -15.80 13.18
CA TRP A 432 -5.83 -17.07 13.89
C TRP A 432 -4.86 -17.07 15.07
N VAL A 433 -3.88 -16.16 15.10
CA VAL A 433 -2.98 -16.08 16.30
C VAL A 433 -3.28 -14.80 17.08
N ARG A 434 -4.44 -14.17 16.85
CA ARG A 434 -4.84 -12.95 17.58
C ARG A 434 -3.81 -11.81 17.40
N ASN A 435 -3.18 -11.74 16.24
CA ASN A 435 -2.23 -10.64 15.93
C ASN A 435 -3.00 -9.46 15.31
N PHE A 436 -3.92 -8.89 16.09
CA PHE A 436 -4.89 -7.90 15.61
C PHE A 436 -4.21 -6.56 15.35
N VAL A 437 -4.65 -5.85 14.32
CA VAL A 437 -4.16 -4.50 14.01
C VAL A 437 -5.33 -3.62 13.55
N ASP A 438 -5.05 -2.36 13.21
CA ASP A 438 -6.08 -1.47 12.74
C ASP A 438 -6.17 -1.60 11.19
N SER A 439 -7.25 -1.08 10.61
CA SER A 439 -7.48 -1.02 9.17
C SER A 439 -8.20 0.29 8.83
N PRO A 440 -8.02 0.84 7.60
CA PRO A 440 -8.80 2.03 7.21
C PRO A 440 -10.32 1.87 7.18
N ILE A 441 -10.81 0.64 7.01
CA ILE A 441 -12.23 0.39 7.08
C ILE A 441 -12.50 -0.74 8.09
N ILE A 442 -13.41 -0.42 9.01
CA ILE A 442 -13.81 -1.33 10.08
C ILE A 442 -15.29 -1.71 9.89
N VAL A 443 -15.52 -3.02 9.78
CA VAL A 443 -16.87 -3.59 9.51
C VAL A 443 -17.54 -3.99 10.83
N ASP A 444 -18.79 -3.59 10.99
CA ASP A 444 -19.57 -3.96 12.16
C ASP A 444 -20.81 -4.68 11.65
N ILE A 445 -20.72 -6.01 11.59
CA ILE A 445 -21.80 -6.80 10.96
C ILE A 445 -23.07 -6.78 11.82
N THR A 446 -22.96 -6.46 13.11
CA THR A 446 -24.19 -6.43 13.95
C THR A 446 -25.10 -5.27 13.49
N LYS A 447 -24.54 -4.25 12.84
CA LYS A 447 -25.28 -3.07 12.38
C LYS A 447 -25.30 -2.99 10.84
N ASP A 448 -24.75 -3.98 10.13
CA ASP A 448 -24.50 -3.90 8.68
C ASP A 448 -23.95 -2.53 8.32
N THR A 449 -22.89 -2.16 9.04
CA THR A 449 -22.29 -0.83 8.97
C THR A 449 -20.77 -1.00 8.79
N PHE A 450 -20.12 -0.05 8.12
CA PHE A 450 -18.69 0.05 8.19
C PHE A 450 -18.28 1.49 8.42
N TYR A 451 -17.11 1.64 9.09
CA TYR A 451 -16.57 2.92 9.51
C TYR A 451 -15.29 3.19 8.71
N LYS A 452 -15.22 4.37 8.08
CA LYS A 452 -14.03 4.82 7.37
C LYS A 452 -13.24 5.71 8.32
N GLN A 453 -12.04 5.21 8.63
CA GLN A 453 -11.12 5.77 9.62
C GLN A 453 -10.41 6.98 9.03
N PRO A 454 -9.93 7.86 9.87
CA PRO A 454 -9.01 8.91 9.34
C PRO A 454 -7.94 8.35 8.40
N MET A 455 -7.37 7.18 8.70
CA MET A 455 -6.39 6.52 7.81
C MET A 455 -6.90 6.44 6.35
N PHE A 456 -8.18 6.13 6.17
CA PHE A 456 -8.76 6.02 4.80
C PHE A 456 -8.58 7.36 4.09
N TYR A 457 -8.93 8.46 4.76
CA TYR A 457 -8.90 9.80 4.13
C TYR A 457 -7.44 10.23 3.92
N HIS A 458 -6.59 9.96 4.91
CA HIS A 458 -5.16 10.31 4.76
C HIS A 458 -4.52 9.58 3.55
N LEU A 459 -4.85 8.28 3.35
CA LEU A 459 -4.35 7.54 2.18
C LEU A 459 -4.98 8.15 0.93
N GLY A 460 -6.28 8.42 0.98
CA GLY A 460 -6.98 8.90 -0.23
C GLY A 460 -6.51 10.25 -0.74
N HIS A 461 -5.94 11.07 0.15
CA HIS A 461 -5.35 12.37 -0.24
C HIS A 461 -4.21 12.16 -1.26
N PHE A 462 -3.65 10.95 -1.29
CA PHE A 462 -2.64 10.55 -2.25
C PHE A 462 -3.28 9.71 -3.36
N SER A 463 -3.95 8.61 -3.00
CA SER A 463 -4.34 7.61 -4.01
C SER A 463 -5.31 8.21 -5.03
N LYS A 464 -6.20 9.08 -4.55
CA LYS A 464 -7.24 9.61 -5.41
C LYS A 464 -6.65 10.54 -6.48
N PHE A 465 -5.55 11.20 -6.12
CA PHE A 465 -5.08 12.38 -6.84
C PHE A 465 -3.70 12.14 -7.48
N ILE A 466 -3.17 10.94 -7.42
CA ILE A 466 -1.89 10.61 -8.03
C ILE A 466 -2.07 9.40 -8.96
N PRO A 467 -2.41 9.66 -10.23
CA PRO A 467 -2.54 8.54 -11.13
C PRO A 467 -1.21 7.79 -11.39
N GLU A 468 -1.31 6.50 -11.75
CA GLU A 468 -0.19 5.73 -12.21
C GLU A 468 0.56 6.46 -13.32
N GLY A 469 1.88 6.57 -13.16
CA GLY A 469 2.71 7.22 -14.17
C GLY A 469 3.00 8.67 -13.80
N SER A 470 2.38 9.19 -12.74
CA SER A 470 2.73 10.53 -12.20
C SER A 470 4.21 10.51 -11.83
N GLN A 471 4.85 11.66 -11.85
CA GLN A 471 6.25 11.76 -11.49
C GLN A 471 6.43 12.75 -10.34
N ARG A 472 7.12 12.33 -9.29
N ARG A 472 7.12 12.34 -9.28
CA ARG A 472 7.48 13.23 -8.20
CA ARG A 472 7.42 13.28 -8.21
C ARG A 472 8.39 14.34 -8.76
C ARG A 472 8.38 14.35 -8.75
N VAL A 473 8.09 15.59 -8.39
CA VAL A 473 8.96 16.74 -8.75
C VAL A 473 9.36 17.46 -7.45
N GLY A 474 10.26 18.40 -7.57
CA GLY A 474 10.73 19.09 -6.40
C GLY A 474 9.75 20.14 -5.91
N LEU A 475 9.96 20.53 -4.66
CA LEU A 475 9.14 21.54 -3.98
C LEU A 475 10.00 22.21 -2.91
N VAL A 476 10.36 23.46 -3.12
CA VAL A 476 11.38 24.13 -2.29
C VAL A 476 10.72 25.13 -1.35
N ALA A 477 11.01 25.02 -0.04
CA ALA A 477 10.47 25.95 0.97
C ALA A 477 11.37 27.19 1.11
N SER A 478 10.79 28.40 1.12
CA SER A 478 11.54 29.67 1.36
C SER A 478 12.04 29.81 2.81
N GLN A 479 11.50 29.06 3.75
CA GLN A 479 11.91 29.19 5.15
C GLN A 479 11.56 27.89 5.88
N LYS A 480 12.21 27.73 7.02
CA LYS A 480 11.96 26.59 7.86
C LYS A 480 10.49 26.64 8.32
N ASN A 481 9.88 25.46 8.41
CA ASN A 481 8.45 25.35 8.73
C ASN A 481 8.19 23.95 9.23
N ASP A 482 7.00 23.73 9.81
CA ASP A 482 6.63 22.47 10.44
C ASP A 482 5.81 21.55 9.56
N LEU A 483 5.63 21.92 8.29
CA LEU A 483 4.77 21.17 7.37
C LEU A 483 5.53 20.02 6.71
N ASP A 484 4.78 19.01 6.27
CA ASP A 484 5.28 17.94 5.43
C ASP A 484 4.59 18.08 4.09
N ALA A 485 5.34 17.98 3.01
CA ALA A 485 4.73 18.20 1.69
C ALA A 485 5.46 17.40 0.60
N VAL A 486 4.72 17.11 -0.47
CA VAL A 486 5.23 16.46 -1.66
C VAL A 486 4.45 16.99 -2.87
N ALA A 487 5.17 17.16 -3.96
CA ALA A 487 4.62 17.58 -5.24
C ALA A 487 4.88 16.54 -6.32
N LEU A 488 3.88 16.36 -7.21
CA LEU A 488 4.03 15.48 -8.37
C LEU A 488 3.35 16.12 -9.59
N MET A 489 3.76 15.62 -10.76
CA MET A 489 3.17 15.98 -12.04
C MET A 489 2.46 14.76 -12.62
N HIS A 490 1.22 14.95 -13.03
CA HIS A 490 0.42 13.89 -13.64
C HIS A 490 0.96 13.57 -15.04
N PRO A 491 0.64 12.37 -15.56
CA PRO A 491 0.93 12.06 -16.96
C PRO A 491 0.51 13.15 -17.98
N ASP A 492 -0.59 13.82 -17.72
CA ASP A 492 -1.07 14.88 -18.63
C ASP A 492 -0.50 16.26 -18.30
N GLY A 493 0.42 16.36 -17.34
CA GLY A 493 1.09 17.63 -17.09
C GLY A 493 0.52 18.42 -15.91
N SER A 494 -0.61 17.98 -15.35
CA SER A 494 -1.27 18.70 -14.27
C SER A 494 -0.44 18.56 -13.00
N ALA A 495 -0.59 19.50 -12.07
CA ALA A 495 0.15 19.46 -10.83
C ALA A 495 -0.73 18.96 -9.69
N VAL A 496 -0.10 18.27 -8.73
CA VAL A 496 -0.72 17.90 -7.47
C VAL A 496 0.30 18.13 -6.36
N VAL A 497 -0.13 18.74 -5.25
CA VAL A 497 0.70 18.95 -4.06
C VAL A 497 -0.09 18.47 -2.84
N VAL A 498 0.55 17.67 -1.98
CA VAL A 498 -0.08 17.27 -0.72
C VAL A 498 0.64 17.96 0.41
N VAL A 499 -0.12 18.52 1.35
CA VAL A 499 0.46 19.27 2.46
C VAL A 499 -0.19 18.75 3.75
N LEU A 500 0.67 18.24 4.64
CA LEU A 500 0.28 17.72 5.95
C LEU A 500 0.81 18.65 7.04
N ASN A 501 -0.04 18.96 8.02
CA ASN A 501 0.30 19.76 9.14
C ASN A 501 0.02 18.94 10.41
N ARG A 502 1.08 18.41 10.99
CA ARG A 502 0.98 17.64 12.21
C ARG A 502 1.06 18.55 13.45
N SER A 503 1.29 19.86 13.27
CA SER A 503 1.29 20.83 14.37
C SER A 503 -0.13 21.31 14.67
N SER A 504 -0.24 21.97 15.83
CA SER A 504 -1.50 22.54 16.27
C SER A 504 -1.72 23.93 15.65
N LYS A 505 -0.75 24.50 14.95
CA LYS A 505 -0.86 25.90 14.50
C LYS A 505 -1.29 25.99 13.02
N ASP A 506 -2.18 26.94 12.73
CA ASP A 506 -2.60 27.26 11.38
C ASP A 506 -1.42 27.97 10.72
N VAL A 507 -1.04 27.56 9.51
CA VAL A 507 0.13 28.10 8.85
C VAL A 507 -0.31 28.66 7.49
N PRO A 508 -0.32 30.00 7.36
CA PRO A 508 -0.52 30.63 6.06
C PRO A 508 0.66 30.26 5.15
N LEU A 509 0.37 30.00 3.87
CA LEU A 509 1.46 29.77 2.93
C LEU A 509 1.00 30.05 1.50
N THR A 510 2.00 30.15 0.64
CA THR A 510 1.77 30.39 -0.77
C THR A 510 2.47 29.28 -1.57
N ILE A 511 1.77 28.69 -2.55
CA ILE A 511 2.44 27.78 -3.49
C ILE A 511 2.71 28.55 -4.78
N LYS A 512 3.95 28.53 -5.24
CA LYS A 512 4.29 29.15 -6.50
C LYS A 512 4.51 28.09 -7.58
N ASP A 513 3.83 28.22 -8.69
CA ASP A 513 4.13 27.47 -9.90
C ASP A 513 4.72 28.47 -10.85
N PRO A 514 6.05 28.40 -11.08
CA PRO A 514 6.67 29.46 -11.82
C PRO A 514 6.06 29.66 -13.21
N ALA A 515 5.48 28.64 -13.81
CA ALA A 515 4.89 28.79 -15.17
C ALA A 515 3.50 29.44 -15.12
N VAL A 516 2.84 29.44 -13.97
CA VAL A 516 1.38 29.57 -13.90
C VAL A 516 0.97 30.71 -12.96
N GLY A 517 1.56 30.78 -11.76
CA GLY A 517 1.35 31.86 -10.79
C GLY A 517 1.28 31.29 -9.37
N PHE A 518 0.52 31.97 -8.49
CA PHE A 518 0.57 31.72 -7.04
C PHE A 518 -0.79 31.25 -6.51
N LEU A 519 -0.75 30.29 -5.58
CA LEU A 519 -1.92 29.77 -4.85
C LEU A 519 -1.80 30.29 -3.42
N GLU A 520 -2.67 31.21 -2.99
CA GLU A 520 -2.61 31.70 -1.62
C GLU A 520 -3.50 30.77 -0.79
N THR A 521 -2.97 30.23 0.28
CA THR A 521 -3.74 29.26 1.03
C THR A 521 -3.28 29.28 2.50
N ILE A 522 -3.81 28.32 3.21
CA ILE A 522 -3.58 28.17 4.60
C ILE A 522 -3.53 26.65 4.85
N SER A 523 -2.67 26.23 5.75
CA SER A 523 -2.63 24.83 6.22
C SER A 523 -3.10 24.84 7.67
N PRO A 524 -4.37 24.51 7.94
CA PRO A 524 -4.79 24.49 9.35
C PRO A 524 -4.04 23.47 10.24
N GLY A 525 -3.94 23.78 11.52
CA GLY A 525 -3.39 22.81 12.45
C GLY A 525 -4.11 21.48 12.31
N TYR A 526 -3.39 20.37 12.40
CA TYR A 526 -4.03 19.00 12.29
C TYR A 526 -4.94 18.89 11.05
N SER A 527 -4.35 19.21 9.91
CA SER A 527 -5.06 19.08 8.60
C SER A 527 -4.18 18.36 7.59
N ILE A 528 -4.83 17.93 6.51
CA ILE A 528 -4.15 17.50 5.35
C ILE A 528 -4.95 18.02 4.16
N HIS A 529 -4.20 18.48 3.17
CA HIS A 529 -4.72 19.12 1.96
C HIS A 529 -4.10 18.49 0.72
N THR A 530 -4.92 18.28 -0.31
CA THR A 530 -4.41 18.03 -1.62
C THR A 530 -4.86 19.14 -2.57
N TYR A 531 -3.88 19.74 -3.28
CA TYR A 531 -4.08 20.80 -4.25
C TYR A 531 -3.88 20.26 -5.66
N LEU A 532 -4.74 20.65 -6.61
CA LEU A 532 -4.61 20.22 -8.01
C LEU A 532 -4.92 21.40 -8.95
N TRP A 533 -4.18 21.48 -10.04
CA TRP A 533 -4.43 22.51 -11.00
C TRP A 533 -3.85 22.09 -12.37
N ARG A 534 -4.47 22.65 -13.40
CA ARG A 534 -3.96 22.54 -14.74
C ARG A 534 -2.81 23.54 -14.93
N ARG A 535 -1.84 23.14 -15.76
CA ARG A 535 -0.62 23.90 -16.05
C ARG A 535 -0.58 24.23 -17.54
N GLN A 536 -0.66 25.49 -17.90
CA GLN A 536 -0.34 25.85 -19.29
C GLN A 536 0.99 26.63 -19.33
N HIS A 537 1.76 26.48 -20.40
CA HIS A 537 3.03 27.22 -20.56
C HIS A 537 2.84 28.40 -21.51
#